data_1XVU
#
_entry.id   1XVU
#
_cell.length_a   86.838
_cell.length_b   86.838
_cell.length_c   164.057
_cell.angle_alpha   90.00
_cell.angle_beta   90.00
_cell.angle_gamma   90.00
#
_symmetry.space_group_name_H-M   'P 41 21 2'
#
loop_
_entity.id
_entity.type
_entity.pdbx_description
1 polymer 'Crotonobetainyl-CoA:carnitine CoA-transferase'
2 non-polymer 'COENZYME A'
3 water water
#
_entity_poly.entity_id   1
_entity_poly.type   'polypeptide(L)'
_entity_poly.pdbx_seq_one_letter_code
;GSHMDHLPMPKFGPLAGLRVVFSGIEIAGPFAGQMFAEWGAEVIWIENVAWADTIRVQPNYPQLSRRNLHALSLNIFKDE
GREAFLKLMETTDIFIEASKGPAFARRGITDEVLWQHNPKLVIAHLSGFGQYGTEEYTNLPAYNTIAQAFSGYLIQNGDV
DQPMPAFPYTAAYFSGLTATTAALAALHKVRETGKGESIDIAMYEVMLRMGQYFMMDYFNGGEMCPRMSKGKDPYYAGCG
LYKCADGYIVMELVGITQIEECFKDIGLAHLLGTPEIPEGTQLIHRIECPYGPLVEEKLDAWLATHTIAEVKERFAELNI
ACAKVLTVPELESNPQYVARESITQWQTMDGRTCKGPNIMPKFKNNPGQIWRGMPSHGMDTAAILKNIGYSENDIQELVS
KGLAKVED
;
_entity_poly.pdbx_strand_id   A
#
loop_
_chem_comp.id
_chem_comp.type
_chem_comp.name
_chem_comp.formula
COA non-polymer 'COENZYME A' 'C21 H36 N7 O16 P3 S'
#
# COMPACT_ATOMS: atom_id res chain seq x y z
N LEU A 7 -18.35 -2.64 -21.06
CA LEU A 7 -16.92 -2.31 -21.37
C LEU A 7 -16.06 -3.54 -21.65
N PRO A 8 -15.52 -3.64 -22.89
CA PRO A 8 -14.76 -4.84 -23.31
C PRO A 8 -13.56 -5.12 -22.41
N MET A 9 -13.60 -6.27 -21.75
CA MET A 9 -12.49 -6.79 -20.95
C MET A 9 -12.68 -8.28 -20.63
N PRO A 10 -11.58 -9.05 -20.47
CA PRO A 10 -11.67 -10.46 -20.13
C PRO A 10 -12.29 -10.69 -18.76
N LYS A 11 -12.94 -11.83 -18.62
CA LYS A 11 -13.57 -12.25 -17.37
C LYS A 11 -12.58 -13.07 -16.54
N PHE A 12 -12.04 -12.47 -15.50
CA PHE A 12 -11.01 -13.14 -14.69
C PHE A 12 -11.03 -12.66 -13.24
N GLY A 13 -10.45 -13.48 -12.37
CA GLY A 13 -10.16 -13.07 -11.00
C GLY A 13 -11.35 -13.13 -10.07
N PRO A 14 -11.11 -12.97 -8.76
CA PRO A 14 -12.21 -13.06 -7.82
C PRO A 14 -13.22 -11.90 -7.94
N LEU A 15 -12.83 -10.81 -8.60
CA LEU A 15 -13.68 -9.61 -8.65
C LEU A 15 -14.29 -9.31 -10.01
N ALA A 16 -14.37 -10.34 -10.86
CA ALA A 16 -15.00 -10.20 -12.18
C ALA A 16 -16.40 -9.60 -12.05
N GLY A 17 -16.71 -8.65 -12.93
CA GLY A 17 -18.04 -8.06 -12.99
C GLY A 17 -18.41 -7.12 -11.85
N LEU A 18 -17.42 -6.76 -11.03
CA LEU A 18 -17.63 -5.72 -10.03
C LEU A 18 -17.23 -4.40 -10.68
N ARG A 19 -18.03 -3.36 -10.46
CA ARG A 19 -17.79 -2.07 -11.10
C ARG A 19 -17.29 -1.02 -10.10
N VAL A 20 -16.10 -0.50 -10.38
CA VAL A 20 -15.39 0.38 -9.46
C VAL A 20 -14.98 1.66 -10.19
N VAL A 21 -15.19 2.80 -9.53
CA VAL A 21 -14.83 4.09 -10.07
C VAL A 21 -14.01 4.79 -9.00
N PHE A 22 -12.91 5.42 -9.37
CA PHE A 22 -12.17 6.23 -8.40
C PHE A 22 -11.80 7.59 -8.93
N SER A 23 -11.76 8.56 -8.01
CA SER A 23 -11.29 9.91 -8.31
C SER A 23 -10.19 10.25 -7.33
N GLY A 24 -8.97 10.40 -7.83
CA GLY A 24 -7.83 10.74 -6.98
C GLY A 24 -6.61 10.70 -7.84
N ILE A 25 -5.51 11.23 -7.30
CA ILE A 25 -4.24 11.34 -8.01
C ILE A 25 -3.11 10.69 -7.19
N GLU A 26 -1.93 10.58 -7.80
CA GLU A 26 -0.73 10.00 -7.18
C GLU A 26 -0.90 8.55 -6.77
N ILE A 27 -0.62 8.20 -5.52
CA ILE A 27 -0.67 6.81 -5.05
C ILE A 27 -1.98 6.45 -4.35
N ALA A 28 -2.23 7.03 -3.17
CA ALA A 28 -3.24 6.50 -2.21
C ALA A 28 -4.60 6.11 -2.81
N GLY A 29 -5.30 7.09 -3.39
CA GLY A 29 -6.59 6.83 -4.01
C GLY A 29 -6.49 5.85 -5.17
N PRO A 30 -5.65 6.17 -6.17
CA PRO A 30 -5.48 5.27 -7.30
C PRO A 30 -4.98 3.87 -6.99
N PHE A 31 -4.11 3.74 -5.98
CA PHE A 31 -3.64 2.44 -5.57
C PHE A 31 -4.81 1.58 -5.09
N ALA A 32 -5.67 2.19 -4.27
CA ALA A 32 -6.85 1.53 -3.74
C ALA A 32 -7.77 1.00 -4.84
N GLY A 33 -7.96 1.80 -5.90
CA GLY A 33 -8.90 1.48 -6.96
C GLY A 33 -8.34 0.48 -7.95
N GLN A 34 -7.05 0.61 -8.24
CA GLN A 34 -6.39 -0.20 -9.23
C GLN A 34 -6.16 -1.62 -8.73
N MET A 35 -6.07 -1.81 -7.41
CA MET A 35 -5.99 -3.15 -6.84
C MET A 35 -7.21 -4.00 -7.24
N PHE A 36 -8.38 -3.39 -7.25
CA PHE A 36 -9.57 -4.03 -7.80
C PHE A 36 -9.33 -4.51 -9.25
N ALA A 37 -8.64 -3.70 -10.05
CA ALA A 37 -8.33 -3.99 -11.44
C ALA A 37 -7.37 -5.16 -11.59
N GLU A 38 -6.35 -5.23 -10.72
CA GLU A 38 -5.44 -6.37 -10.66
C GLU A 38 -6.21 -7.68 -10.53
N TRP A 39 -7.34 -7.62 -9.82
CA TRP A 39 -8.10 -8.82 -9.47
C TRP A 39 -9.39 -9.03 -10.29
N GLY A 40 -9.55 -8.26 -11.36
CA GLY A 40 -10.58 -8.55 -12.34
C GLY A 40 -11.81 -7.66 -12.37
N ALA A 41 -11.86 -6.63 -11.54
CA ALA A 41 -12.99 -5.70 -11.54
C ALA A 41 -12.94 -4.77 -12.73
N GLU A 42 -14.08 -4.19 -13.08
CA GLU A 42 -14.09 -3.13 -14.07
C GLU A 42 -13.84 -1.82 -13.35
N VAL A 43 -12.72 -1.17 -13.65
CA VAL A 43 -12.31 0.00 -12.87
C VAL A 43 -12.13 1.26 -13.72
N ILE A 44 -12.93 2.28 -13.42
CA ILE A 44 -12.82 3.57 -14.10
C ILE A 44 -12.02 4.56 -13.26
N TRP A 45 -10.92 5.01 -13.85
CA TRP A 45 -10.08 6.07 -13.37
C TRP A 45 -10.61 7.39 -13.92
N ILE A 46 -11.02 8.30 -13.01
CA ILE A 46 -11.48 9.63 -13.40
C ILE A 46 -10.36 10.64 -13.21
N GLU A 47 -10.02 11.33 -14.30
CA GLU A 47 -9.09 12.46 -14.26
C GLU A 47 -9.90 13.70 -14.55
N ASN A 48 -9.40 14.86 -14.16
CA ASN A 48 -10.06 16.10 -14.50
C ASN A 48 -10.01 16.28 -16.03
N VAL A 49 -10.83 17.19 -16.55
CA VAL A 49 -10.89 17.46 -17.98
C VAL A 49 -9.77 18.39 -18.46
N ALA A 50 -9.21 19.19 -17.55
CA ALA A 50 -8.25 20.23 -17.93
C ALA A 50 -6.81 19.81 -17.69
N TRP A 51 -6.54 19.28 -16.50
CA TRP A 51 -5.25 18.72 -16.16
C TRP A 51 -5.39 17.19 -16.03
N ALA A 52 -4.27 16.48 -16.07
CA ALA A 52 -4.27 15.02 -15.89
C ALA A 52 -3.67 14.63 -14.53
N ASP A 53 -3.90 13.38 -14.11
CA ASP A 53 -3.27 12.80 -12.90
C ASP A 53 -1.77 13.13 -12.89
N THR A 54 -1.29 13.66 -11.77
CA THR A 54 0.14 13.95 -11.59
C THR A 54 1.05 12.73 -11.80
N ILE A 55 0.52 11.53 -11.58
CA ILE A 55 1.31 10.31 -11.78
C ILE A 55 1.93 10.24 -13.17
N ARG A 56 1.23 10.77 -14.15
CA ARG A 56 1.69 10.73 -15.55
C ARG A 56 3.03 11.42 -15.80
N VAL A 57 3.47 12.23 -14.84
CA VAL A 57 4.80 12.86 -14.91
C VAL A 57 5.95 11.88 -14.62
N GLN A 58 5.63 10.75 -13.97
CA GLN A 58 6.62 9.71 -13.70
C GLN A 58 6.86 8.86 -14.96
N PRO A 59 8.14 8.62 -15.30
CA PRO A 59 8.48 8.02 -16.59
C PRO A 59 8.06 6.56 -16.80
N ASN A 60 8.08 5.72 -15.75
CA ASN A 60 7.79 4.28 -15.92
C ASN A 60 6.73 3.70 -15.00
N TYR A 61 6.77 4.11 -13.74
CA TYR A 61 5.88 3.55 -12.72
C TYR A 61 4.39 3.44 -13.10
N PRO A 62 3.81 4.48 -13.73
CA PRO A 62 2.38 4.46 -14.13
C PRO A 62 1.95 3.30 -15.05
N GLN A 63 2.90 2.73 -15.79
CA GLN A 63 2.63 1.53 -16.56
C GLN A 63 2.26 0.36 -15.66
N LEU A 64 2.83 0.32 -14.46
CA LEU A 64 2.43 -0.65 -13.47
C LEU A 64 1.17 -0.20 -12.70
N SER A 65 1.21 1.02 -12.15
CA SER A 65 0.16 1.45 -11.23
C SER A 65 -1.14 1.91 -11.87
N ARG A 66 -1.18 1.97 -13.20
CA ARG A 66 -2.44 2.28 -13.88
C ARG A 66 -2.82 1.22 -14.91
N ARG A 67 -2.15 0.08 -14.88
CA ARG A 67 -2.52 -1.00 -15.79
C ARG A 67 -3.91 -1.56 -15.48
N ASN A 68 -4.58 -2.14 -16.48
CA ASN A 68 -5.91 -2.74 -16.34
C ASN A 68 -7.03 -1.73 -16.04
N LEU A 69 -6.78 -0.47 -16.36
CA LEU A 69 -7.75 0.57 -16.07
C LEU A 69 -8.47 1.10 -17.30
N HIS A 70 -9.66 1.67 -17.09
CA HIS A 70 -10.35 2.45 -18.12
C HIS A 70 -10.26 3.93 -17.73
N ALA A 71 -9.98 4.79 -18.70
CA ALA A 71 -9.73 6.19 -18.39
C ALA A 71 -10.90 7.11 -18.77
N LEU A 72 -11.57 7.65 -17.76
CA LEU A 72 -12.56 8.71 -17.94
C LEU A 72 -11.85 10.05 -17.73
N SER A 73 -12.33 11.07 -18.43
CA SER A 73 -11.88 12.44 -18.21
C SER A 73 -13.10 13.34 -18.28
N LEU A 74 -13.52 13.83 -17.11
CA LEU A 74 -14.82 14.50 -16.95
C LEU A 74 -14.78 15.49 -15.78
N ASN A 75 -15.43 16.65 -15.95
CA ASN A 75 -15.61 17.61 -14.86
C ASN A 75 -16.84 17.17 -14.08
N ILE A 76 -16.60 16.50 -12.97
CA ILE A 76 -17.65 15.82 -12.23
C ILE A 76 -18.44 16.77 -11.33
N PHE A 77 -18.05 18.04 -11.33
CA PHE A 77 -18.71 19.05 -10.48
C PHE A 77 -19.46 20.16 -11.23
N LYS A 78 -19.25 20.25 -12.55
CA LYS A 78 -19.85 21.33 -13.34
C LYS A 78 -20.99 20.86 -14.26
N ASP A 79 -22.17 21.43 -14.02
CA ASP A 79 -23.36 21.24 -14.86
C ASP A 79 -23.68 19.80 -15.26
N GLU A 80 -23.67 19.52 -16.57
CA GLU A 80 -24.04 18.22 -17.10
C GLU A 80 -22.93 17.19 -16.85
N GLY A 81 -21.69 17.66 -16.77
CA GLY A 81 -20.57 16.82 -16.34
C GLY A 81 -20.89 16.12 -15.03
N ARG A 82 -21.53 16.86 -14.12
CA ARG A 82 -22.02 16.29 -12.87
C ARG A 82 -23.14 15.26 -13.10
N GLU A 83 -24.12 15.64 -13.90
CA GLU A 83 -25.29 14.78 -14.23
C GLU A 83 -24.87 13.42 -14.79
N ALA A 84 -23.79 13.40 -15.57
CA ALA A 84 -23.20 12.17 -16.11
C ALA A 84 -22.59 11.32 -15.00
N PHE A 85 -21.67 11.93 -14.25
CA PHE A 85 -21.02 11.29 -13.09
C PHE A 85 -22.01 10.56 -12.20
N LEU A 86 -23.13 11.24 -11.89
CA LEU A 86 -24.18 10.70 -11.02
C LEU A 86 -24.98 9.56 -11.66
N LYS A 87 -25.24 9.64 -12.96
CA LYS A 87 -25.86 8.53 -13.68
C LYS A 87 -24.89 7.34 -13.68
N LEU A 88 -23.61 7.61 -13.95
CA LEU A 88 -22.55 6.59 -13.84
C LEU A 88 -22.61 5.91 -12.48
N MET A 89 -22.81 6.71 -11.43
CA MET A 89 -22.89 6.21 -10.07
C MET A 89 -24.05 5.22 -9.84
N GLU A 90 -25.06 5.27 -10.71
CA GLU A 90 -26.19 4.36 -10.60
C GLU A 90 -25.84 2.92 -10.98
N THR A 91 -24.77 2.74 -11.76
CA THR A 91 -24.32 1.41 -12.17
C THR A 91 -23.08 0.96 -11.39
N THR A 92 -22.58 1.85 -10.53
CA THR A 92 -21.33 1.63 -9.79
C THR A 92 -21.57 0.88 -8.48
N ASP A 93 -20.69 -0.08 -8.18
CA ASP A 93 -20.75 -0.83 -6.94
C ASP A 93 -19.92 -0.13 -5.86
N ILE A 94 -18.75 0.39 -6.24
CA ILE A 94 -17.80 1.00 -5.32
C ILE A 94 -17.19 2.27 -5.90
N PHE A 95 -17.22 3.34 -5.11
CA PHE A 95 -16.60 4.59 -5.52
C PHE A 95 -15.58 5.01 -4.48
N ILE A 96 -14.33 5.08 -4.91
CA ILE A 96 -13.22 5.57 -4.11
C ILE A 96 -13.00 7.04 -4.47
N GLU A 97 -12.94 7.92 -3.47
CA GLU A 97 -12.56 9.29 -3.74
C GLU A 97 -11.53 9.80 -2.73
N ALA A 98 -10.53 10.51 -3.23
CA ALA A 98 -9.47 11.04 -2.38
C ALA A 98 -9.41 12.55 -2.50
N SER A 99 -9.74 13.24 -1.41
CA SER A 99 -9.91 14.68 -1.40
C SER A 99 -9.29 15.29 -0.16
N LYS A 100 -9.16 16.61 -0.17
CA LYS A 100 -8.88 17.36 1.03
C LYS A 100 -10.14 17.36 1.89
N GLY A 101 -10.21 16.44 2.85
CA GLY A 101 -11.34 16.33 3.75
C GLY A 101 -12.64 16.11 3.01
N PRO A 102 -13.73 16.69 3.53
CA PRO A 102 -15.06 16.49 2.96
C PRO A 102 -15.30 17.40 1.76
N ALA A 103 -14.42 17.33 0.77
CA ALA A 103 -14.44 18.24 -0.37
C ALA A 103 -15.63 18.02 -1.33
N PHE A 104 -16.02 16.75 -1.48
CA PHE A 104 -17.15 16.37 -2.32
C PHE A 104 -18.47 16.87 -1.76
N ALA A 105 -18.60 16.81 -0.44
CA ALA A 105 -19.79 17.23 0.25
C ALA A 105 -19.93 18.75 0.20
N ARG A 106 -18.83 19.47 0.45
CA ARG A 106 -18.86 20.93 0.32
C ARG A 106 -18.85 21.41 -1.12
N ARG A 107 -18.93 20.47 -2.06
CA ARG A 107 -19.19 20.84 -3.45
C ARG A 107 -20.54 20.35 -3.96
N GLY A 108 -21.35 19.81 -3.06
CA GLY A 108 -22.73 19.46 -3.42
C GLY A 108 -22.99 17.98 -3.49
N ILE A 109 -21.94 17.19 -3.75
CA ILE A 109 -22.10 15.75 -3.87
C ILE A 109 -21.89 15.09 -2.51
N THR A 110 -22.97 15.04 -1.72
CA THR A 110 -22.95 14.41 -0.41
C THR A 110 -23.17 12.90 -0.54
N ASP A 111 -23.02 12.17 0.56
CA ASP A 111 -23.31 10.74 0.58
C ASP A 111 -24.79 10.48 0.27
N GLU A 112 -25.65 11.37 0.79
CA GLU A 112 -27.09 11.27 0.62
C GLU A 112 -27.49 11.54 -0.84
N VAL A 113 -26.77 12.44 -1.50
CA VAL A 113 -26.97 12.69 -2.92
C VAL A 113 -26.55 11.47 -3.76
N LEU A 114 -25.40 10.89 -3.43
CA LEU A 114 -24.91 9.67 -4.07
C LEU A 114 -25.86 8.48 -3.89
N TRP A 115 -26.25 8.18 -2.65
CA TRP A 115 -27.21 7.10 -2.38
C TRP A 115 -28.58 7.36 -3.01
N GLN A 116 -28.87 8.62 -3.32
CA GLN A 116 -30.07 8.95 -4.06
C GLN A 116 -30.03 8.28 -5.43
N HIS A 117 -28.84 8.27 -6.06
CA HIS A 117 -28.65 7.66 -7.38
C HIS A 117 -28.31 6.17 -7.31
N ASN A 118 -27.75 5.75 -6.18
CA ASN A 118 -27.53 4.34 -5.91
C ASN A 118 -27.50 4.08 -4.39
N PRO A 119 -28.64 3.62 -3.82
CA PRO A 119 -28.73 3.32 -2.37
C PRO A 119 -27.80 2.19 -1.88
N LYS A 120 -27.30 1.37 -2.80
CA LYS A 120 -26.41 0.24 -2.46
C LYS A 120 -24.92 0.64 -2.46
N LEU A 121 -24.62 1.76 -3.10
CA LEU A 121 -23.27 2.20 -3.32
C LEU A 121 -22.39 2.20 -2.06
N VAL A 122 -21.18 1.66 -2.20
CA VAL A 122 -20.15 1.74 -1.18
C VAL A 122 -19.25 2.93 -1.53
N ILE A 123 -19.17 3.89 -0.61
CA ILE A 123 -18.42 5.12 -0.78
C ILE A 123 -17.23 5.08 0.17
N ALA A 124 -16.03 5.26 -0.39
CA ALA A 124 -14.80 5.28 0.38
C ALA A 124 -14.11 6.63 0.24
N HIS A 125 -14.08 7.38 1.35
CA HIS A 125 -13.45 8.69 1.41
C HIS A 125 -12.05 8.58 1.98
N LEU A 126 -11.06 8.91 1.14
CA LEU A 126 -9.66 8.88 1.56
C LEU A 126 -9.20 10.32 1.73
N SER A 127 -8.75 10.67 2.93
CA SER A 127 -8.20 12.00 3.15
C SER A 127 -7.04 11.95 4.14
N GLY A 128 -6.36 13.08 4.27
CA GLY A 128 -5.23 13.18 5.18
C GLY A 128 -5.66 13.07 6.62
N PHE A 129 -6.75 13.79 6.94
CA PHE A 129 -7.10 14.11 8.30
C PHE A 129 -8.55 13.73 8.66
N GLY A 130 -9.30 13.20 7.69
CA GLY A 130 -10.67 12.72 7.92
C GLY A 130 -11.77 13.56 7.31
N GLN A 131 -13.01 13.05 7.36
CA GLN A 131 -14.18 13.75 6.85
C GLN A 131 -14.71 14.82 7.81
N TYR A 132 -14.29 14.78 9.06
CA TYR A 132 -14.72 15.75 10.07
C TYR A 132 -13.64 15.83 11.13
N GLY A 133 -13.64 16.89 11.92
CA GLY A 133 -12.63 17.09 12.96
C GLY A 133 -12.62 18.56 13.33
N THR A 134 -11.47 19.22 13.20
CA THR A 134 -11.35 20.65 13.46
C THR A 134 -11.16 21.43 12.16
N GLU A 135 -11.41 22.74 12.22
CA GLU A 135 -11.19 23.64 11.09
C GLU A 135 -9.71 23.73 10.72
N GLU A 136 -8.86 23.63 11.73
CA GLU A 136 -7.43 23.74 11.54
C GLU A 136 -6.88 22.63 10.62
N TYR A 137 -7.39 21.41 10.76
CA TYR A 137 -6.81 20.24 10.10
C TYR A 137 -7.67 19.57 9.03
N THR A 138 -8.99 19.69 9.12
CA THR A 138 -9.83 18.80 8.35
C THR A 138 -9.72 18.98 6.83
N ASN A 139 -9.43 20.19 6.38
CA ASN A 139 -9.44 20.46 4.95
C ASN A 139 -8.03 20.61 4.39
N LEU A 140 -7.01 20.24 5.18
CA LEU A 140 -5.63 20.37 4.74
C LEU A 140 -5.33 19.33 3.67
N PRO A 141 -4.52 19.72 2.67
CA PRO A 141 -3.96 18.75 1.72
C PRO A 141 -2.99 17.82 2.42
N ALA A 142 -2.82 16.60 1.87
CA ALA A 142 -1.92 15.62 2.46
C ALA A 142 -1.29 14.72 1.42
N TYR A 143 -0.02 14.40 1.66
CA TYR A 143 0.70 13.35 0.97
C TYR A 143 1.24 12.41 2.03
N ASN A 144 1.75 11.28 1.57
CA ASN A 144 2.42 10.29 2.40
C ASN A 144 3.26 10.89 3.52
N THR A 145 4.11 11.85 3.20
CA THR A 145 5.02 12.32 4.21
C THR A 145 4.29 13.08 5.31
N ILE A 146 3.23 13.80 4.91
CA ILE A 146 2.36 14.50 5.85
C ILE A 146 1.70 13.50 6.82
N ALA A 147 1.19 12.40 6.29
CA ALA A 147 0.59 11.34 7.10
C ALA A 147 1.61 10.68 8.03
N GLN A 148 2.87 10.55 7.57
CA GLN A 148 3.92 9.98 8.40
C GLN A 148 4.27 10.92 9.54
N ALA A 149 4.32 12.22 9.23
CA ALA A 149 4.67 13.22 10.20
C ALA A 149 3.62 13.31 11.31
N PHE A 150 2.35 13.24 10.93
CA PHE A 150 1.23 13.54 11.82
C PHE A 150 0.81 12.36 12.69
N SER A 151 1.27 11.16 12.35
CA SER A 151 0.87 9.94 13.03
C SER A 151 1.95 9.41 13.98
N GLY A 152 3.08 10.08 14.04
CA GLY A 152 4.24 9.57 14.77
C GLY A 152 4.94 8.40 14.08
N TYR A 153 4.64 8.13 12.82
CA TYR A 153 5.36 7.09 12.09
C TYR A 153 6.77 7.59 11.72
N LEU A 154 6.85 8.83 11.21
CA LEU A 154 8.12 9.38 10.72
C LEU A 154 9.17 9.42 11.83
N ILE A 155 8.76 9.92 13.01
CA ILE A 155 9.63 10.01 14.17
C ILE A 155 10.24 8.67 14.62
N GLN A 156 9.63 7.55 14.22
CA GLN A 156 10.12 6.21 14.56
C GLN A 156 11.10 5.64 13.53
N ASN A 157 11.14 6.24 12.35
CA ASN A 157 12.04 5.82 11.29
C ASN A 157 13.34 6.61 11.20
N GLY A 158 14.36 5.97 10.65
CA GLY A 158 15.67 6.55 10.59
C GLY A 158 16.57 6.02 11.69
N ASP A 159 17.74 6.65 11.82
CA ASP A 159 18.79 6.26 12.75
C ASP A 159 18.57 7.00 14.05
N VAL A 160 19.23 6.54 15.12
CA VAL A 160 19.14 7.18 16.44
C VAL A 160 19.12 8.69 16.33
N ASP A 161 20.07 9.25 15.59
CA ASP A 161 20.29 10.69 15.44
C ASP A 161 19.54 11.42 14.32
N GLN A 162 18.78 10.69 13.51
CA GLN A 162 18.17 11.27 12.32
C GLN A 162 16.86 10.57 11.95
N PRO A 163 15.73 11.20 12.29
CA PRO A 163 14.48 10.68 11.81
C PRO A 163 14.33 10.94 10.31
N MET A 164 13.59 10.06 9.64
CA MET A 164 13.32 10.22 8.21
C MET A 164 12.07 9.40 7.89
N PRO A 165 11.39 9.72 6.77
CA PRO A 165 10.21 8.95 6.37
C PRO A 165 10.58 7.53 6.02
N ALA A 166 9.67 6.59 6.25
CA ALA A 166 9.77 5.29 5.57
C ALA A 166 9.53 5.52 4.08
N PHE A 167 10.26 4.79 3.25
CA PHE A 167 10.34 5.08 1.83
C PHE A 167 10.21 3.78 1.01
N PRO A 168 9.65 3.83 -0.23
CA PRO A 168 9.01 4.91 -1.01
C PRO A 168 7.53 5.12 -0.71
N TYR A 169 7.20 6.28 -0.13
CA TYR A 169 5.80 6.71 -0.01
C TYR A 169 4.90 5.70 0.68
N THR A 170 5.47 5.04 1.68
CA THR A 170 4.91 3.95 2.46
C THR A 170 3.49 4.21 2.93
N ALA A 171 3.23 5.41 3.43
CA ALA A 171 1.91 5.74 3.99
C ALA A 171 0.83 5.80 2.92
N ALA A 172 1.21 6.12 1.69
CA ALA A 172 0.23 6.16 0.59
C ALA A 172 -0.28 4.75 0.26
N TYR A 173 0.62 3.78 0.28
CA TYR A 173 0.27 2.39 0.09
C TYR A 173 -0.57 1.80 1.22
N PHE A 174 -0.23 2.09 2.48
CA PHE A 174 -1.04 1.61 3.60
C PHE A 174 -2.45 2.17 3.49
N SER A 175 -2.55 3.46 3.16
CA SER A 175 -3.85 4.14 3.12
C SER A 175 -4.73 3.63 1.99
N GLY A 176 -4.15 3.47 0.81
CA GLY A 176 -4.90 2.91 -0.30
C GLY A 176 -5.29 1.45 -0.07
N LEU A 177 -4.39 0.69 0.55
CA LEU A 177 -4.68 -0.72 0.86
C LEU A 177 -5.83 -0.86 1.86
N THR A 178 -5.81 -0.05 2.92
CA THR A 178 -6.92 0.03 3.86
C THR A 178 -8.25 0.40 3.20
N ALA A 179 -8.23 1.37 2.30
CA ALA A 179 -9.42 1.74 1.54
C ALA A 179 -9.98 0.53 0.76
N THR A 180 -9.10 -0.22 0.10
CA THR A 180 -9.51 -1.40 -0.66
C THR A 180 -10.14 -2.39 0.30
N THR A 181 -9.50 -2.60 1.43
CA THR A 181 -9.93 -3.60 2.38
C THR A 181 -11.30 -3.23 2.92
N ALA A 182 -11.40 -2.01 3.43
CA ALA A 182 -12.62 -1.52 4.03
C ALA A 182 -13.78 -1.51 3.01
N ALA A 183 -13.50 -1.19 1.76
CA ALA A 183 -14.51 -1.20 0.69
C ALA A 183 -15.06 -2.59 0.43
N LEU A 184 -14.18 -3.60 0.42
CA LEU A 184 -14.60 -5.00 0.25
C LEU A 184 -15.38 -5.49 1.47
N ALA A 185 -15.00 -5.03 2.66
CA ALA A 185 -15.76 -5.37 3.87
C ALA A 185 -17.18 -4.78 3.80
N ALA A 186 -17.27 -3.51 3.39
CA ALA A 186 -18.56 -2.84 3.24
C ALA A 186 -19.38 -3.49 2.13
N LEU A 187 -18.69 -3.88 1.06
CA LEU A 187 -19.31 -4.58 -0.05
C LEU A 187 -20.00 -5.87 0.41
N HIS A 188 -19.35 -6.60 1.30
CA HIS A 188 -19.93 -7.79 1.91
C HIS A 188 -21.23 -7.49 2.66
N LYS A 189 -21.26 -6.37 3.36
CA LYS A 189 -22.43 -5.95 4.11
C LYS A 189 -23.61 -5.60 3.18
N VAL A 190 -23.31 -5.00 2.04
CA VAL A 190 -24.34 -4.66 1.06
C VAL A 190 -24.96 -5.93 0.51
N ARG A 191 -24.11 -6.93 0.24
CA ARG A 191 -24.55 -8.24 -0.26
C ARG A 191 -25.31 -9.04 0.81
N GLU A 192 -25.31 -8.54 2.05
CA GLU A 192 -25.98 -9.22 3.17
C GLU A 192 -27.13 -8.44 3.80
N THR A 193 -27.22 -7.13 3.55
CA THR A 193 -28.37 -6.34 4.05
C THR A 193 -29.09 -5.50 2.97
N GLY A 194 -28.42 -5.25 1.85
CA GLY A 194 -29.01 -4.50 0.73
C GLY A 194 -28.91 -2.98 0.81
N LYS A 195 -28.16 -2.48 1.80
CA LYS A 195 -28.00 -1.03 2.00
C LYS A 195 -26.52 -0.60 1.92
N GLY A 196 -26.30 0.56 1.31
CA GLY A 196 -24.94 1.07 1.10
C GLY A 196 -24.16 1.45 2.34
N GLU A 197 -22.92 1.88 2.13
CA GLU A 197 -22.02 2.29 3.21
C GLU A 197 -21.11 3.43 2.78
N SER A 198 -20.75 4.26 3.77
CA SER A 198 -19.75 5.32 3.62
C SER A 198 -18.55 5.08 4.57
N ILE A 199 -17.34 5.20 4.05
CA ILE A 199 -16.15 4.87 4.83
C ILE A 199 -15.23 6.09 4.91
N ASP A 200 -14.82 6.43 6.12
CA ASP A 200 -13.99 7.61 6.36
C ASP A 200 -12.61 7.14 6.74
N ILE A 201 -11.67 7.22 5.78
CA ILE A 201 -10.33 6.72 5.97
C ILE A 201 -9.38 7.92 6.08
N ALA A 202 -8.87 8.19 7.28
CA ALA A 202 -7.90 9.25 7.46
C ALA A 202 -6.49 8.63 7.39
N MET A 203 -5.67 9.11 6.46
CA MET A 203 -4.31 8.59 6.32
C MET A 203 -3.54 8.49 7.66
N TYR A 204 -3.62 9.53 8.49
CA TYR A 204 -2.88 9.54 9.75
C TYR A 204 -3.37 8.48 10.73
N GLU A 205 -4.66 8.13 10.63
CA GLU A 205 -5.24 7.11 11.49
C GLU A 205 -4.80 5.71 11.05
N VAL A 206 -4.68 5.52 9.74
CA VAL A 206 -4.11 4.31 9.20
C VAL A 206 -2.70 4.14 9.78
N MET A 207 -1.87 5.17 9.63
CA MET A 207 -0.47 5.14 10.04
C MET A 207 -0.29 5.16 11.53
N LEU A 208 -1.22 5.75 12.27
CA LEU A 208 -1.22 5.63 13.73
C LEU A 208 -1.29 4.15 14.12
N ARG A 209 -2.17 3.40 13.44
CA ARG A 209 -2.31 1.96 13.69
C ARG A 209 -1.05 1.19 13.35
N MET A 210 -0.43 1.55 12.23
CA MET A 210 0.72 0.78 11.75
C MET A 210 1.97 1.00 12.62
N GLY A 211 1.96 2.03 13.45
CA GLY A 211 3.10 2.36 14.30
C GLY A 211 2.94 2.10 15.79
N GLN A 212 2.01 1.22 16.15
CA GLN A 212 1.68 0.99 17.58
C GLN A 212 2.56 0.02 18.35
N TYR A 213 3.39 -0.75 17.65
CA TYR A 213 4.12 -1.85 18.28
C TYR A 213 4.80 -1.42 19.60
N PHE A 214 5.50 -0.30 19.56
CA PHE A 214 6.11 0.25 20.77
C PHE A 214 5.37 1.47 21.29
N MET A 215 4.59 2.14 20.44
CA MET A 215 3.84 3.29 20.92
C MET A 215 2.80 2.90 21.97
N MET A 216 2.33 1.66 21.90
CA MET A 216 1.42 1.17 22.92
C MET A 216 2.04 1.24 24.31
N ASP A 217 3.37 1.15 24.40
CA ASP A 217 4.06 1.30 25.67
C ASP A 217 3.89 2.69 26.22
N TYR A 218 4.06 3.69 25.37
CA TYR A 218 3.89 5.07 25.79
C TYR A 218 2.48 5.36 26.32
N PHE A 219 1.46 4.91 25.58
CA PHE A 219 0.07 5.15 25.96
C PHE A 219 -0.29 4.47 27.26
N ASN A 220 0.52 3.50 27.69
CA ASN A 220 0.17 2.69 28.85
C ASN A 220 1.30 2.57 29.87
N GLY A 221 1.77 3.73 30.35
CA GLY A 221 2.74 3.79 31.44
C GLY A 221 4.20 3.92 31.02
N GLY A 222 4.56 3.31 29.90
CA GLY A 222 5.97 3.19 29.51
C GLY A 222 6.61 4.42 28.91
N GLU A 223 7.74 4.19 28.24
CA GLU A 223 8.47 5.21 27.53
C GLU A 223 8.40 4.84 26.05
N MET A 224 8.66 5.79 25.17
CA MET A 224 8.79 5.46 23.74
C MET A 224 10.18 4.86 23.49
N CYS A 225 10.24 3.87 22.59
CA CYS A 225 11.51 3.30 22.19
C CYS A 225 12.31 4.32 21.38
N PRO A 226 13.64 4.19 21.37
CA PRO A 226 14.39 5.01 20.43
C PRO A 226 14.29 4.49 18.98
N ARG A 227 14.89 5.23 18.06
CA ARG A 227 15.07 4.76 16.71
C ARG A 227 16.21 3.73 16.68
N MET A 228 16.24 2.93 15.62
CA MET A 228 17.31 1.96 15.36
C MET A 228 18.68 2.60 15.31
N SER A 229 19.70 1.83 15.67
CA SER A 229 21.04 2.23 15.36
C SER A 229 21.58 1.29 14.32
N LYS A 230 21.96 1.86 13.17
CA LYS A 230 22.49 1.14 12.01
C LYS A 230 21.61 -0.06 11.61
N GLY A 231 20.31 0.12 11.71
CA GLY A 231 19.36 -0.86 11.21
C GLY A 231 19.17 -2.01 12.17
N LYS A 232 19.65 -1.85 13.40
CA LYS A 232 19.42 -2.88 14.42
C LYS A 232 18.17 -2.57 15.23
N ASP A 233 17.44 -3.60 15.63
CA ASP A 233 16.17 -3.45 16.35
C ASP A 233 16.42 -2.59 17.59
N PRO A 234 15.55 -1.62 17.87
CA PRO A 234 15.83 -0.82 19.07
C PRO A 234 15.77 -1.56 20.41
N TYR A 235 15.13 -2.73 20.47
CA TYR A 235 14.95 -3.42 21.75
C TYR A 235 15.53 -4.83 21.81
N TYR A 236 15.51 -5.52 20.69
CA TYR A 236 15.79 -6.94 20.73
C TYR A 236 17.10 -7.28 20.06
N ALA A 237 18.02 -7.81 20.87
CA ALA A 237 19.33 -8.20 20.39
C ALA A 237 19.17 -9.32 19.35
N GLY A 238 20.02 -9.27 18.32
CA GLY A 238 20.03 -10.30 17.31
C GLY A 238 18.98 -10.13 16.22
N CYS A 239 18.34 -8.97 16.17
CA CYS A 239 17.31 -8.66 15.20
C CYS A 239 17.67 -7.41 14.38
N GLY A 240 17.56 -7.53 13.06
CA GLY A 240 17.85 -6.42 12.14
C GLY A 240 19.10 -6.65 11.30
N LEU A 241 19.80 -5.57 10.98
CA LEU A 241 20.90 -5.55 10.02
C LEU A 241 22.24 -5.88 10.64
N TYR A 242 22.95 -6.83 10.05
CA TYR A 242 24.26 -7.27 10.50
C TYR A 242 25.21 -7.38 9.32
N LYS A 243 26.51 -7.23 9.59
CA LYS A 243 27.54 -7.45 8.59
C LYS A 243 28.17 -8.83 8.77
N CYS A 244 28.21 -9.61 7.70
CA CYS A 244 29.10 -10.75 7.61
C CYS A 244 30.41 -10.30 6.97
N ALA A 245 31.32 -11.24 6.75
CA ALA A 245 32.62 -10.94 6.15
C ALA A 245 32.50 -10.36 4.74
N ASP A 246 31.43 -10.74 4.05
CA ASP A 246 31.23 -10.38 2.64
C ASP A 246 29.91 -9.65 2.34
N GLY A 247 29.26 -9.09 3.37
CA GLY A 247 28.08 -8.26 3.16
C GLY A 247 27.00 -8.22 4.22
N TYR A 248 26.00 -7.39 3.96
CA TYR A 248 24.83 -7.22 4.81
C TYR A 248 23.89 -8.42 4.78
N ILE A 249 23.50 -8.87 5.96
CA ILE A 249 22.32 -9.73 6.11
C ILE A 249 21.35 -9.19 7.17
N VAL A 250 20.15 -9.75 7.22
CA VAL A 250 19.24 -9.57 8.35
C VAL A 250 19.02 -10.91 9.03
N MET A 251 18.70 -10.86 10.32
CA MET A 251 18.40 -12.05 11.08
C MET A 251 17.42 -11.69 12.17
N GLU A 252 16.66 -12.68 12.63
CA GLU A 252 15.80 -12.51 13.79
C GLU A 252 16.13 -13.61 14.78
N LEU A 253 16.73 -13.20 15.90
CA LEU A 253 17.06 -14.11 16.98
C LEU A 253 15.86 -14.22 17.92
N VAL A 254 14.99 -15.18 17.63
CA VAL A 254 13.70 -15.34 18.27
C VAL A 254 13.46 -16.83 18.46
N GLY A 255 12.98 -17.23 19.62
CA GLY A 255 12.73 -18.62 19.91
C GLY A 255 13.75 -19.21 20.86
N ILE A 256 13.28 -20.17 21.67
CA ILE A 256 14.08 -20.79 22.73
C ILE A 256 15.32 -21.47 22.18
N THR A 257 15.09 -22.37 21.24
CA THR A 257 16.09 -23.17 20.55
C THR A 257 17.11 -22.31 19.80
N GLN A 258 16.61 -21.30 19.09
CA GLN A 258 17.44 -20.39 18.34
C GLN A 258 18.42 -19.65 19.28
N ILE A 259 17.91 -19.14 20.39
CA ILE A 259 18.71 -18.41 21.36
C ILE A 259 19.78 -19.34 21.98
N GLU A 260 19.36 -20.54 22.40
CA GLU A 260 20.27 -21.50 23.04
C GLU A 260 21.42 -21.92 22.15
N GLU A 261 21.13 -22.25 20.90
CA GLU A 261 22.16 -22.75 19.97
C GLU A 261 23.01 -21.62 19.42
N CYS A 262 22.44 -20.43 19.31
CA CYS A 262 23.19 -19.30 18.83
C CYS A 262 24.15 -18.75 19.91
N PHE A 263 23.69 -18.71 21.15
CA PHE A 263 24.56 -18.37 22.27
C PHE A 263 25.75 -19.31 22.36
N LYS A 264 25.52 -20.61 22.12
CA LYS A 264 26.60 -21.59 22.13
C LYS A 264 27.65 -21.34 21.04
N ASP A 265 27.19 -21.02 19.82
CA ASP A 265 28.06 -20.72 18.70
C ASP A 265 28.95 -19.49 18.95
N ILE A 266 28.36 -18.44 19.51
CA ILE A 266 29.05 -17.15 19.63
C ILE A 266 29.89 -17.06 20.91
N GLY A 267 29.77 -18.07 21.77
CA GLY A 267 30.60 -18.19 22.97
C GLY A 267 29.96 -17.69 24.24
N LEU A 268 28.63 -17.75 24.28
CA LEU A 268 27.87 -17.20 25.40
C LEU A 268 27.02 -18.25 26.11
N ALA A 269 27.37 -19.51 25.86
CA ALA A 269 26.73 -20.68 26.47
C ALA A 269 26.46 -20.54 27.98
N HIS A 270 27.49 -20.11 28.72
CA HIS A 270 27.40 -19.94 30.16
C HIS A 270 26.31 -18.97 30.63
N LEU A 271 25.81 -18.13 29.73
CA LEU A 271 24.69 -17.23 30.08
C LEU A 271 23.33 -17.91 30.21
N LEU A 272 23.17 -19.06 29.56
CA LEU A 272 21.89 -19.78 29.56
C LEU A 272 21.63 -20.39 30.95
N GLY A 273 20.46 -20.11 31.50
CA GLY A 273 20.09 -20.66 32.81
C GLY A 273 20.29 -19.71 33.99
N THR A 274 20.83 -18.52 33.72
CA THR A 274 20.99 -17.50 34.76
C THR A 274 19.63 -16.89 35.13
N PRO A 275 19.53 -16.25 36.32
CA PRO A 275 18.35 -15.45 36.65
C PRO A 275 17.83 -14.58 35.49
N GLU A 276 18.73 -14.09 34.63
CA GLU A 276 18.35 -13.17 33.57
C GLU A 276 17.97 -13.88 32.28
N ILE A 277 18.63 -14.99 31.95
CA ILE A 277 18.21 -15.81 30.82
C ILE A 277 17.80 -17.21 31.28
N PRO A 278 16.60 -17.34 31.89
CA PRO A 278 16.11 -18.64 32.35
C PRO A 278 15.70 -19.58 31.20
N GLU A 279 15.01 -20.66 31.55
CA GLU A 279 14.71 -21.76 30.63
C GLU A 279 14.12 -21.38 29.28
N GLY A 280 12.86 -20.96 29.27
CA GLY A 280 12.18 -20.76 27.99
C GLY A 280 12.31 -19.40 27.34
N THR A 281 13.42 -18.71 27.59
CA THR A 281 13.59 -17.36 27.07
C THR A 281 13.46 -17.35 25.54
N GLN A 282 12.47 -16.62 25.04
CA GLN A 282 12.19 -16.55 23.60
C GLN A 282 12.81 -15.33 22.92
N LEU A 283 13.30 -14.39 23.71
CA LEU A 283 13.67 -13.08 23.19
C LEU A 283 14.64 -12.43 24.16
N ILE A 284 15.55 -11.64 23.61
CA ILE A 284 16.62 -11.02 24.36
C ILE A 284 16.53 -9.48 24.29
N HIS A 285 16.07 -8.87 25.38
CA HIS A 285 15.92 -7.42 25.41
C HIS A 285 17.24 -6.74 25.70
N ARG A 286 17.73 -5.99 24.72
CA ARG A 286 19.10 -5.45 24.72
C ARG A 286 19.34 -4.38 25.79
N ILE A 287 18.28 -3.67 26.17
CA ILE A 287 18.39 -2.52 27.08
C ILE A 287 18.28 -2.98 28.50
N GLU A 288 17.28 -3.83 28.76
CA GLU A 288 16.99 -4.35 30.09
C GLU A 288 18.06 -5.32 30.61
N CYS A 289 18.72 -5.98 29.67
CA CYS A 289 19.68 -7.03 29.93
C CYS A 289 21.11 -6.48 30.11
N PRO A 290 21.73 -6.76 31.28
CA PRO A 290 23.13 -6.40 31.48
C PRO A 290 24.02 -6.99 30.38
N TYR A 291 23.61 -8.11 29.81
CA TYR A 291 24.42 -8.85 28.86
C TYR A 291 24.03 -8.52 27.44
N GLY A 292 23.02 -7.65 27.29
CA GLY A 292 22.53 -7.20 25.99
C GLY A 292 23.66 -6.76 25.07
N PRO A 293 24.40 -5.71 25.45
CA PRO A 293 25.59 -5.31 24.66
C PRO A 293 26.66 -6.40 24.43
N LEU A 294 26.88 -7.30 25.40
CA LEU A 294 27.83 -8.40 25.22
C LEU A 294 27.36 -9.35 24.14
N VAL A 295 26.05 -9.62 24.13
CA VAL A 295 25.47 -10.46 23.11
C VAL A 295 25.72 -9.84 21.73
N GLU A 296 25.49 -8.54 21.60
CA GLU A 296 25.71 -7.89 20.31
C GLU A 296 27.16 -7.97 19.87
N GLU A 297 28.08 -7.70 20.81
CA GLU A 297 29.50 -7.77 20.53
C GLU A 297 29.95 -9.16 20.04
N LYS A 298 29.44 -10.22 20.68
CA LYS A 298 29.82 -11.57 20.29
C LYS A 298 29.14 -12.00 18.99
N LEU A 299 27.89 -11.60 18.81
CA LEU A 299 27.17 -11.87 17.55
C LEU A 299 27.89 -11.21 16.39
N ASP A 300 28.18 -9.91 16.53
CA ASP A 300 28.89 -9.17 15.51
C ASP A 300 30.20 -9.84 15.13
N ALA A 301 30.95 -10.29 16.14
CA ALA A 301 32.27 -10.87 15.95
C ALA A 301 32.21 -12.24 15.29
N TRP A 302 31.22 -13.03 15.69
CA TRP A 302 31.01 -14.34 15.12
C TRP A 302 30.58 -14.22 13.64
N LEU A 303 29.59 -13.36 13.36
CA LEU A 303 29.16 -13.08 12.00
C LEU A 303 30.27 -12.54 11.08
N ALA A 304 31.23 -11.79 11.62
CA ALA A 304 32.24 -11.16 10.77
C ALA A 304 33.31 -12.16 10.35
N THR A 305 33.30 -13.31 11.02
CA THR A 305 34.16 -14.46 10.77
C THR A 305 33.63 -15.33 9.63
N HIS A 306 32.33 -15.24 9.37
CA HIS A 306 31.70 -16.08 8.38
C HIS A 306 31.23 -15.34 7.14
N THR A 307 31.09 -16.11 6.09
CA THR A 307 30.54 -15.66 4.83
C THR A 307 29.00 -15.64 4.96
N ILE A 308 28.32 -14.83 4.16
CA ILE A 308 26.84 -14.87 4.12
C ILE A 308 26.36 -16.30 3.90
N ALA A 309 26.95 -16.99 2.92
CA ALA A 309 26.57 -18.36 2.61
C ALA A 309 26.71 -19.33 3.80
N GLU A 310 27.77 -19.17 4.59
CA GLU A 310 27.98 -20.00 5.76
C GLU A 310 26.98 -19.69 6.88
N VAL A 311 26.67 -18.41 7.08
CA VAL A 311 25.70 -18.02 8.09
C VAL A 311 24.33 -18.58 7.72
N LYS A 312 23.98 -18.44 6.45
CA LYS A 312 22.75 -19.00 5.92
C LYS A 312 22.64 -20.49 6.20
N GLU A 313 23.71 -21.25 5.97
CA GLU A 313 23.68 -22.70 6.19
C GLU A 313 23.49 -23.08 7.65
N ARG A 314 24.24 -22.41 8.53
CA ARG A 314 24.14 -22.62 9.96
C ARG A 314 22.78 -22.18 10.52
N PHE A 315 22.27 -21.04 10.04
CA PHE A 315 20.97 -20.54 10.48
C PHE A 315 19.80 -21.37 9.96
N ALA A 316 19.99 -22.02 8.81
CA ALA A 316 19.02 -23.01 8.33
C ALA A 316 18.98 -24.28 9.18
N GLU A 317 20.11 -24.60 9.81
CA GLU A 317 20.21 -25.71 10.77
C GLU A 317 19.52 -25.38 12.09
N LEU A 318 19.70 -24.14 12.54
CA LEU A 318 19.12 -23.69 13.80
C LEU A 318 17.71 -23.10 13.68
N ASN A 319 17.18 -23.00 12.45
CA ASN A 319 15.84 -22.44 12.22
C ASN A 319 15.79 -20.97 12.62
N ILE A 320 16.89 -20.26 12.35
CA ILE A 320 16.96 -18.84 12.54
C ILE A 320 16.68 -18.18 11.20
N ALA A 321 15.65 -17.35 11.16
CA ALA A 321 15.31 -16.63 9.96
C ALA A 321 16.42 -15.63 9.67
N CYS A 322 16.82 -15.56 8.42
CA CYS A 322 17.78 -14.57 7.94
C CYS A 322 17.68 -14.50 6.44
N ALA A 323 18.35 -13.49 5.87
CA ALA A 323 18.41 -13.32 4.43
C ALA A 323 19.52 -12.36 4.09
N LYS A 324 20.11 -12.54 2.91
CA LYS A 324 20.98 -11.56 2.29
C LYS A 324 20.13 -10.32 1.93
N VAL A 325 20.66 -9.15 2.23
CA VAL A 325 20.07 -7.90 1.79
C VAL A 325 20.34 -7.76 0.30
N LEU A 326 19.28 -7.86 -0.51
CA LEU A 326 19.41 -7.85 -1.94
C LEU A 326 19.32 -6.44 -2.46
N THR A 327 20.18 -6.16 -3.43
CA THR A 327 20.06 -4.92 -4.18
C THR A 327 19.11 -5.17 -5.36
N VAL A 328 18.55 -4.09 -5.90
CA VAL A 328 17.60 -4.16 -7.00
C VAL A 328 18.10 -4.94 -8.22
N PRO A 329 19.37 -4.72 -8.65
CA PRO A 329 19.91 -5.54 -9.73
C PRO A 329 19.99 -7.04 -9.46
N GLU A 330 19.75 -7.48 -8.21
CA GLU A 330 19.87 -8.90 -7.85
C GLU A 330 18.55 -9.68 -7.91
N LEU A 331 17.44 -8.96 -8.03
CA LEU A 331 16.10 -9.57 -7.95
C LEU A 331 15.70 -10.42 -9.17
N GLU A 332 15.87 -9.86 -10.37
CA GLU A 332 15.35 -10.50 -11.55
C GLU A 332 15.81 -11.92 -11.66
N SER A 333 17.06 -12.17 -11.32
CA SER A 333 17.64 -13.46 -11.58
C SER A 333 17.74 -14.30 -10.32
N ASN A 334 17.04 -13.88 -9.26
CA ASN A 334 16.94 -14.78 -8.10
C ASN A 334 16.03 -15.98 -8.43
N PRO A 335 16.48 -17.20 -8.10
CA PRO A 335 15.74 -18.41 -8.49
C PRO A 335 14.29 -18.49 -7.95
N GLN A 336 14.04 -17.92 -6.77
CA GLN A 336 12.68 -17.85 -6.24
C GLN A 336 11.81 -16.94 -7.11
N TYR A 337 12.31 -15.77 -7.45
CA TYR A 337 11.64 -14.82 -8.35
C TYR A 337 11.33 -15.45 -9.69
N VAL A 338 12.33 -16.10 -10.29
CA VAL A 338 12.19 -16.76 -11.56
C VAL A 338 11.12 -17.87 -11.48
N ALA A 339 11.26 -18.76 -10.50
CA ALA A 339 10.31 -19.87 -10.31
C ALA A 339 8.84 -19.42 -10.19
N ARG A 340 8.61 -18.29 -9.54
CA ARG A 340 7.25 -17.86 -9.26
C ARG A 340 6.77 -16.81 -10.25
N GLU A 341 7.58 -16.50 -11.25
CA GLU A 341 7.31 -15.40 -12.16
C GLU A 341 6.90 -14.15 -11.38
N SER A 342 7.72 -13.76 -10.40
CA SER A 342 7.37 -12.64 -9.53
C SER A 342 7.45 -11.31 -10.27
N ILE A 343 8.36 -11.28 -11.24
CA ILE A 343 8.57 -10.20 -12.17
C ILE A 343 8.19 -10.73 -13.56
N THR A 344 7.41 -9.96 -14.30
CA THR A 344 6.91 -10.41 -15.57
C THR A 344 7.04 -9.29 -16.62
N GLN A 345 6.53 -9.54 -17.82
CA GLN A 345 6.44 -8.52 -18.84
C GLN A 345 5.03 -8.42 -19.44
N TRP A 346 4.69 -7.22 -19.91
CA TRP A 346 3.43 -6.97 -20.61
C TRP A 346 3.62 -5.89 -21.67
N GLN A 347 2.60 -5.73 -22.51
CA GLN A 347 2.60 -4.71 -23.56
C GLN A 347 1.85 -3.47 -23.12
N THR A 348 2.50 -2.32 -23.29
CA THR A 348 1.83 -1.02 -23.09
C THR A 348 0.84 -0.76 -24.24
N MET A 349 0.08 0.34 -24.11
CA MET A 349 -0.85 0.79 -25.14
C MET A 349 -0.12 1.26 -26.40
N ASP A 350 1.01 1.94 -26.21
CA ASP A 350 1.83 2.41 -27.34
C ASP A 350 2.48 1.24 -28.11
N GLY A 351 2.41 0.03 -27.54
CA GLY A 351 2.92 -1.17 -28.17
C GLY A 351 4.35 -1.54 -27.78
N ARG A 352 4.82 -1.02 -26.66
CA ARG A 352 6.18 -1.33 -26.18
C ARG A 352 6.16 -2.39 -25.08
N THR A 353 7.30 -3.01 -24.82
CA THR A 353 7.38 -4.08 -23.82
C THR A 353 7.72 -3.48 -22.47
N CYS A 354 6.95 -3.86 -21.46
CA CYS A 354 7.12 -3.31 -20.14
C CYS A 354 7.39 -4.41 -19.12
N LYS A 355 8.38 -4.18 -18.26
CA LYS A 355 8.79 -5.16 -17.23
C LYS A 355 8.44 -4.65 -15.86
N GLY A 356 7.98 -5.55 -15.00
CA GLY A 356 7.66 -5.24 -13.61
C GLY A 356 6.94 -6.35 -12.89
N PRO A 357 6.56 -6.15 -11.61
CA PRO A 357 5.92 -7.21 -10.82
C PRO A 357 4.68 -7.79 -11.47
N ASN A 358 4.51 -9.09 -11.28
CA ASN A 358 3.31 -9.79 -11.68
C ASN A 358 2.14 -9.43 -10.75
N ILE A 359 0.95 -9.93 -11.02
CA ILE A 359 -0.16 -9.77 -10.08
C ILE A 359 0.20 -10.43 -8.77
N MET A 360 0.00 -9.74 -7.66
CA MET A 360 0.04 -10.39 -6.36
C MET A 360 -1.26 -10.10 -5.60
N PRO A 361 -1.65 -11.02 -4.72
CA PRO A 361 -1.04 -12.33 -4.50
C PRO A 361 -1.54 -13.28 -5.58
N LYS A 362 -1.22 -14.57 -5.45
CA LYS A 362 -1.66 -15.57 -6.42
C LYS A 362 -2.94 -16.24 -5.95
N PHE A 363 -4.06 -15.93 -6.61
CA PHE A 363 -5.30 -16.70 -6.38
C PHE A 363 -5.23 -17.98 -7.17
N LYS A 364 -5.61 -19.08 -6.53
CA LYS A 364 -5.43 -20.41 -7.11
C LYS A 364 -6.42 -20.67 -8.26
N ASN A 365 -7.70 -20.55 -7.97
CA ASN A 365 -8.72 -20.88 -8.96
C ASN A 365 -9.02 -19.75 -9.94
N ASN A 366 -8.83 -18.52 -9.47
CA ASN A 366 -9.12 -17.32 -10.27
C ASN A 366 -7.97 -16.35 -10.25
N PRO A 367 -6.83 -16.74 -10.87
CA PRO A 367 -5.72 -15.79 -10.92
C PRO A 367 -6.10 -14.47 -11.55
N GLY A 368 -5.54 -13.38 -11.03
CA GLY A 368 -5.55 -12.11 -11.72
C GLY A 368 -4.67 -12.24 -12.96
N GLN A 369 -4.65 -11.21 -13.79
CA GLN A 369 -3.97 -11.25 -15.06
C GLN A 369 -3.79 -9.82 -15.54
N ILE A 370 -2.74 -9.56 -16.30
CA ILE A 370 -2.55 -8.24 -16.89
C ILE A 370 -3.19 -8.23 -18.29
N TRP A 371 -4.34 -7.58 -18.43
CA TRP A 371 -5.05 -7.55 -19.73
C TRP A 371 -4.89 -6.23 -20.50
N ARG A 372 -4.45 -5.18 -19.83
CA ARG A 372 -4.30 -3.90 -20.51
C ARG A 372 -3.20 -3.06 -19.90
N GLY A 373 -2.50 -2.32 -20.74
CA GLY A 373 -1.56 -1.33 -20.24
C GLY A 373 -2.31 -0.07 -19.79
N MET A 374 -1.55 0.87 -19.23
CA MET A 374 -2.05 2.16 -18.78
C MET A 374 -2.78 2.87 -19.90
N PRO A 375 -4.01 3.32 -19.64
CA PRO A 375 -4.72 4.08 -20.66
C PRO A 375 -4.24 5.52 -20.74
N SER A 376 -4.39 6.12 -21.92
CA SER A 376 -4.11 7.53 -22.13
C SER A 376 -5.20 8.41 -21.50
N HIS A 377 -4.87 9.69 -21.31
CA HIS A 377 -5.78 10.70 -20.75
C HIS A 377 -7.05 10.87 -21.58
N GLY A 378 -8.18 10.38 -21.07
CA GLY A 378 -9.46 10.46 -21.75
C GLY A 378 -9.78 9.31 -22.70
N MET A 379 -8.82 8.40 -22.86
CA MET A 379 -8.93 7.20 -23.68
C MET A 379 -10.34 6.61 -23.86
N ASP A 380 -11.04 6.38 -22.75
CA ASP A 380 -12.29 5.63 -22.74
C ASP A 380 -13.55 6.48 -22.49
N THR A 381 -13.38 7.80 -22.41
CA THR A 381 -14.48 8.72 -22.12
C THR A 381 -15.71 8.47 -23.04
N ALA A 382 -15.48 8.51 -24.35
CA ALA A 382 -16.56 8.36 -25.31
C ALA A 382 -17.24 6.99 -25.16
N ALA A 383 -16.44 5.97 -24.82
CA ALA A 383 -16.95 4.61 -24.67
C ALA A 383 -17.84 4.47 -23.43
N ILE A 384 -17.46 5.20 -22.39
CA ILE A 384 -18.09 5.13 -21.08
C ILE A 384 -19.41 5.88 -21.09
N LEU A 385 -19.40 7.05 -21.72
CA LEU A 385 -20.59 7.88 -21.80
C LEU A 385 -21.66 7.28 -22.70
N LYS A 386 -21.23 6.61 -23.78
CA LYS A 386 -22.16 5.92 -24.66
C LYS A 386 -22.75 4.69 -23.97
N ASN A 387 -21.93 4.06 -23.13
CA ASN A 387 -22.39 2.90 -22.36
C ASN A 387 -23.37 3.33 -21.27
N ILE A 388 -23.15 4.51 -20.69
CA ILE A 388 -24.05 5.07 -19.67
C ILE A 388 -25.35 5.62 -20.28
N GLY A 389 -25.38 5.79 -21.61
CA GLY A 389 -26.60 6.19 -22.31
C GLY A 389 -26.59 7.53 -23.02
N TYR A 390 -25.45 8.21 -23.04
CA TYR A 390 -25.30 9.46 -23.77
C TYR A 390 -25.20 9.22 -25.28
N SER A 391 -25.80 10.13 -26.07
CA SER A 391 -25.77 10.05 -27.54
C SER A 391 -24.40 10.48 -28.10
N GLU A 392 -24.19 10.31 -29.40
CA GLU A 392 -22.93 10.70 -30.04
C GLU A 392 -22.76 12.22 -30.02
N ASN A 393 -23.80 12.93 -30.47
CA ASN A 393 -23.87 14.40 -30.41
C ASN A 393 -23.93 14.91 -28.95
N ASP A 394 -24.70 14.19 -28.13
CA ASP A 394 -24.85 14.53 -26.72
C ASP A 394 -23.50 14.52 -25.97
N ILE A 395 -22.64 13.55 -26.29
CA ILE A 395 -21.28 13.47 -25.72
C ILE A 395 -20.30 14.43 -26.44
N GLN A 396 -20.66 14.84 -27.66
CA GLN A 396 -19.88 15.82 -28.42
C GLN A 396 -19.99 17.24 -27.83
N GLU A 397 -21.30 17.49 -27.27
CA GLU A 397 -21.56 18.75 -26.57
C GLU A 397 -20.79 18.83 -25.24
N LEU A 398 -20.68 17.72 -24.52
CA LEU A 398 -19.99 17.69 -23.23
C LEU A 398 -18.50 18.16 -23.36
N VAL A 399 -17.87 17.42 -24.63
CA VAL A 399 -16.49 17.81 -24.91
C VAL A 399 -16.40 19.31 -25.23
N SER A 400 -17.38 19.82 -26.00
CA SER A 400 -17.38 21.21 -26.47
C SER A 400 -17.40 22.24 -25.34
N LYS A 401 -18.35 22.06 -24.38
CA LYS A 401 -18.47 23.01 -23.27
C LYS A 401 -17.36 22.81 -22.22
N GLY A 402 -16.28 22.13 -22.64
CA GLY A 402 -15.10 21.89 -21.80
C GLY A 402 -15.29 20.89 -20.65
N LEU A 403 -16.47 20.28 -20.58
CA LEU A 403 -16.83 19.41 -19.47
C LEU A 403 -16.28 17.97 -19.57
N ALA A 404 -15.69 17.62 -20.73
CA ALA A 404 -15.06 16.29 -20.96
C ALA A 404 -13.90 16.33 -21.98
N LYS A 405 -12.90 15.45 -21.77
CA LYS A 405 -11.80 15.22 -22.75
C LYS A 405 -11.90 13.86 -23.43
N VAL A 406 -12.01 13.85 -24.76
CA VAL A 406 -12.12 12.64 -25.57
C VAL A 406 -10.75 12.03 -25.84
N GLU A 407 -10.72 10.82 -26.41
CA GLU A 407 -9.45 10.18 -26.81
C GLU A 407 -8.65 11.12 -27.72
N ASP A 408 -7.37 11.31 -27.36
CA ASP A 408 -6.48 12.31 -27.98
C ASP A 408 -6.56 12.42 -29.51
N1A COA B . -14.01 17.05 -11.84
C2A COA B . -14.07 18.38 -11.46
N3A COA B . -13.17 18.87 -10.54
C4A COA B . -12.24 18.04 -10.00
C5A COA B . -12.17 16.69 -10.38
C6A COA B . -13.06 16.18 -11.32
N6A COA B . -12.68 15.13 -12.05
N7A COA B . -11.16 16.13 -9.70
C8A COA B . -10.59 17.08 -8.92
N9A COA B . -11.24 18.26 -9.09
C1B COA B . -11.31 19.36 -8.10
C2B COA B . -11.07 18.87 -6.69
O2B COA B . -12.30 18.57 -6.06
C3B COA B . -10.41 20.04 -6.02
O3B COA B . -11.48 20.68 -5.37
P3B COA B . -11.38 21.88 -4.29
O7A COA B . -12.83 22.27 -4.06
O8A COA B . -10.83 21.45 -2.96
O9A COA B . -10.56 23.02 -4.84
C4B COA B . -9.81 20.84 -7.17
O4B COA B . -10.29 20.30 -8.37
C5B COA B . -8.29 20.74 -7.24
O5B COA B . -7.88 19.49 -7.80
P1A COA B . -6.70 18.61 -7.10
O1A COA B . -7.18 17.22 -6.70
O2A COA B . -5.45 18.53 -7.94
O3A COA B . -6.50 19.63 -5.87
P2A COA B . -5.42 19.58 -4.72
O4A COA B . -4.02 19.87 -5.22
O5A COA B . -5.78 20.60 -3.67
O6A COA B . -5.60 18.08 -4.14
CBP COA B . -4.36 16.43 -2.86
CCP COA B . -4.56 17.12 -4.20
CDP COA B . -3.55 15.18 -3.14
CEP COA B . -3.52 17.40 -2.01
CAP COA B . -5.74 16.09 -2.26
OAP COA B . -6.52 15.34 -3.16
C9P COA B . -5.70 15.29 -1.00
O9P COA B . -5.22 15.85 0.18
N8P COA B . -6.14 14.03 -1.06
C7P COA B . -6.17 13.12 0.07
C6P COA B . -4.82 12.46 0.40
C5P COA B . -4.20 11.88 -0.86
O5P COA B . -4.85 11.06 -1.52
N4P COA B . -2.96 12.28 -1.17
C3P COA B . -2.28 11.98 -2.44
C2P COA B . -1.72 10.56 -2.56
S1P COA B . -0.17 10.32 -1.68
#